data_2KEF
#
_entry.id   2KEF
#
_entity_poly.entity_id   1
_entity_poly.type   'polypeptide(L)'
_entity_poly.pdbx_seq_one_letter_code
;DTHFPICIFCCGCCHRSKCGMCCKT
;
_entity_poly.pdbx_strand_id   A
#
# COMPACT_ATOMS: atom_id res chain seq x y z
N ASP A 1 1.15 11.99 12.41
CA ASP A 1 1.63 10.84 11.66
C ASP A 1 0.63 9.68 11.75
N THR A 2 1.03 8.53 11.20
CA THR A 2 0.17 7.35 11.23
C THR A 2 0.97 6.11 11.65
N HIS A 3 0.28 5.17 12.29
CA HIS A 3 0.92 3.94 12.74
C HIS A 3 1.11 2.97 11.58
N PHE A 4 1.82 1.88 11.84
CA PHE A 4 2.09 0.88 10.82
C PHE A 4 2.18 -0.52 11.44
N PRO A 5 1.98 -1.55 10.61
CA PRO A 5 1.71 -1.37 9.19
C PRO A 5 0.31 -0.79 8.93
N ILE A 6 0.03 -0.47 7.68
CA ILE A 6 -1.26 0.09 7.31
C ILE A 6 -1.63 -0.27 5.88
N CYS A 7 -2.93 -0.31 5.61
CA CYS A 7 -3.43 -0.64 4.27
C CYS A 7 -3.96 0.60 3.56
N ILE A 8 -3.38 0.91 2.41
CA ILE A 8 -3.80 2.07 1.63
C ILE A 8 -3.46 1.90 0.15
N PHE A 9 -3.81 2.89 -0.66
CA PHE A 9 -3.54 2.85 -2.08
C PHE A 9 -2.16 3.41 -2.40
N CYS A 10 -1.59 2.98 -3.52
CA CYS A 10 -0.27 3.45 -3.94
C CYS A 10 0.00 3.05 -5.39
N CYS A 11 0.69 3.93 -6.11
CA CYS A 11 1.02 3.68 -7.50
C CYS A 11 2.43 3.08 -7.63
N GLY A 12 2.51 1.76 -7.54
CA GLY A 12 3.78 1.09 -7.64
C GLY A 12 4.15 0.34 -6.37
N CYS A 13 3.22 -0.43 -5.85
CA CYS A 13 3.45 -1.21 -4.63
C CYS A 13 2.87 -2.60 -4.75
N CYS A 14 3.29 -3.49 -3.85
CA CYS A 14 2.81 -4.87 -3.85
C CYS A 14 2.57 -5.36 -5.28
N HIS A 15 3.53 -5.08 -6.16
CA HIS A 15 3.42 -5.49 -7.57
C HIS A 15 2.21 -4.84 -8.23
N ARG A 16 2.22 -3.51 -8.30
CA ARG A 16 1.13 -2.78 -8.91
C ARG A 16 1.61 -1.44 -9.46
N SER A 17 2.26 -1.48 -10.63
CA SER A 17 2.78 -0.27 -11.26
C SER A 17 1.69 0.80 -11.37
N LYS A 18 0.57 0.42 -11.98
CA LYS A 18 -0.54 1.35 -12.16
C LYS A 18 -0.91 2.00 -10.82
N CYS A 19 -1.70 1.30 -10.02
CA CYS A 19 -2.13 1.81 -8.73
C CYS A 19 -3.05 0.82 -8.02
N GLY A 20 -2.62 0.31 -6.87
CA GLY A 20 -3.41 -0.64 -6.13
C GLY A 20 -3.36 -0.40 -4.64
N MET A 21 -4.19 -1.12 -3.88
CA MET A 21 -4.23 -0.97 -2.43
C MET A 21 -3.66 -2.22 -1.75
N CYS A 22 -2.72 -2.00 -0.83
CA CYS A 22 -2.09 -3.09 -0.11
C CYS A 22 -1.67 -2.65 1.29
N CYS A 23 -1.28 -3.62 2.12
CA CYS A 23 -0.85 -3.33 3.49
C CYS A 23 0.67 -3.39 3.60
N LYS A 24 1.22 -2.54 4.46
CA LYS A 24 2.66 -2.51 4.67
C LYS A 24 3.18 -3.84 5.17
N THR A 25 2.27 -4.67 5.68
CA THR A 25 2.64 -5.99 6.18
C THR A 25 3.97 -5.93 6.93
N ASP A 1 -6.22 1.91 7.93
CA ASP A 1 -7.27 0.91 8.00
C ASP A 1 -7.01 -0.08 9.14
N THR A 2 -5.94 -0.85 9.02
CA THR A 2 -5.57 -1.83 10.03
C THR A 2 -4.72 -1.20 11.13
N HIS A 3 -4.06 -0.10 10.79
CA HIS A 3 -3.21 0.60 11.75
C HIS A 3 -2.05 -0.28 12.19
N PHE A 4 -0.98 -0.28 11.41
CA PHE A 4 0.21 -1.08 11.71
C PHE A 4 -0.18 -2.54 11.97
N PRO A 5 -0.24 -3.33 10.88
CA PRO A 5 0.04 -2.85 9.53
C PRO A 5 -1.04 -1.89 9.01
N ILE A 6 -0.69 -1.11 8.00
CA ILE A 6 -1.63 -0.16 7.42
C ILE A 6 -1.85 -0.45 5.93
N CYS A 7 -3.12 -0.47 5.52
CA CYS A 7 -3.46 -0.72 4.12
C CYS A 7 -3.97 0.55 3.45
N ILE A 8 -3.35 0.90 2.33
CA ILE A 8 -3.74 2.09 1.58
C ILE A 8 -3.39 1.96 0.11
N PHE A 9 -3.85 2.91 -0.70
CA PHE A 9 -3.58 2.90 -2.13
C PHE A 9 -2.19 3.45 -2.44
N CYS A 10 -1.61 3.01 -3.55
CA CYS A 10 -0.29 3.46 -3.94
C CYS A 10 0.01 3.06 -5.39
N CYS A 11 0.70 3.94 -6.11
CA CYS A 11 1.05 3.68 -7.51
C CYS A 11 2.44 3.07 -7.62
N GLY A 12 2.50 1.75 -7.52
CA GLY A 12 3.77 1.06 -7.61
C GLY A 12 4.13 0.32 -6.34
N CYS A 13 3.18 -0.46 -5.82
CA CYS A 13 3.39 -1.22 -4.59
C CYS A 13 2.81 -2.63 -4.72
N CYS A 14 3.24 -3.52 -3.83
CA CYS A 14 2.76 -4.89 -3.84
C CYS A 14 2.55 -5.38 -5.26
N HIS A 15 3.49 -5.06 -6.15
CA HIS A 15 3.41 -5.47 -7.54
C HIS A 15 2.20 -4.83 -8.22
N ARG A 16 2.19 -3.50 -8.27
CA ARG A 16 1.09 -2.77 -8.89
C ARG A 16 1.58 -1.44 -9.45
N SER A 17 2.23 -1.50 -10.62
CA SER A 17 2.74 -0.30 -11.26
C SER A 17 1.66 0.77 -11.39
N LYS A 18 0.53 0.39 -11.99
CA LYS A 18 -0.58 1.31 -12.15
C LYS A 18 -0.94 1.99 -10.84
N CYS A 19 -1.72 1.31 -10.02
CA CYS A 19 -2.13 1.85 -8.73
C CYS A 19 -3.07 0.88 -8.01
N GLY A 20 -2.63 0.37 -6.86
CA GLY A 20 -3.44 -0.56 -6.11
C GLY A 20 -3.32 -0.34 -4.61
N MET A 21 -4.11 -1.08 -3.84
CA MET A 21 -4.08 -0.96 -2.39
C MET A 21 -3.34 -2.14 -1.76
N CYS A 22 -2.36 -1.84 -0.93
CA CYS A 22 -1.57 -2.87 -0.26
C CYS A 22 -1.35 -2.53 1.21
N CYS A 23 -1.02 -3.53 2.00
CA CYS A 23 -0.78 -3.34 3.43
C CYS A 23 0.70 -3.39 3.75
N LYS A 24 1.11 -2.63 4.76
CA LYS A 24 2.51 -2.58 5.17
C LYS A 24 3.00 -3.96 5.59
N THR A 25 2.07 -4.86 5.88
CA THR A 25 2.41 -6.23 6.28
C THR A 25 3.63 -6.23 7.20
N ASP A 1 -0.84 7.02 17.86
CA ASP A 1 -1.55 5.75 17.78
C ASP A 1 -0.60 4.61 17.43
N THR A 2 0.07 4.74 16.29
CA THR A 2 1.01 3.72 15.83
C THR A 2 0.30 2.40 15.55
N HIS A 3 -0.54 2.39 14.51
CA HIS A 3 -1.27 1.19 14.14
C HIS A 3 -0.75 0.63 12.82
N PHE A 4 0.19 -0.29 12.90
CA PHE A 4 0.77 -0.91 11.72
C PHE A 4 0.57 -2.43 11.73
N PRO A 5 0.64 -3.05 10.55
CA PRO A 5 0.89 -2.33 9.29
C PRO A 5 -0.29 -1.46 8.87
N ILE A 6 -0.13 -0.74 7.77
CA ILE A 6 -1.18 0.13 7.27
C ILE A 6 -1.58 -0.24 5.84
N CYS A 7 -2.88 -0.28 5.59
CA CYS A 7 -3.39 -0.63 4.26
C CYS A 7 -3.94 0.61 3.56
N ILE A 8 -3.37 0.92 2.40
CA ILE A 8 -3.80 2.08 1.62
C ILE A 8 -3.46 1.90 0.15
N PHE A 9 -3.81 2.89 -0.66
CA PHE A 9 -3.54 2.85 -2.09
C PHE A 9 -2.17 3.42 -2.40
N CYS A 10 -1.60 2.99 -3.53
CA CYS A 10 -0.28 3.45 -3.94
C CYS A 10 0.00 3.05 -5.39
N CYS A 11 0.69 3.93 -6.11
CA CYS A 11 1.02 3.68 -7.50
C CYS A 11 2.43 3.08 -7.63
N GLY A 12 2.51 1.76 -7.54
CA GLY A 12 3.78 1.08 -7.63
C GLY A 12 4.15 0.34 -6.36
N CYS A 13 3.21 -0.43 -5.84
CA CYS A 13 3.44 -1.20 -4.62
C CYS A 13 2.87 -2.60 -4.75
N CYS A 14 3.29 -3.49 -3.84
CA CYS A 14 2.81 -4.87 -3.85
C CYS A 14 2.57 -5.36 -5.28
N HIS A 15 3.52 -5.08 -6.16
CA HIS A 15 3.42 -5.49 -7.57
C HIS A 15 2.21 -4.84 -8.23
N ARG A 16 2.22 -3.51 -8.30
CA ARG A 16 1.12 -2.77 -8.91
C ARG A 16 1.61 -1.44 -9.46
N SER A 17 2.26 -1.48 -10.63
CA SER A 17 2.78 -0.27 -11.25
C SER A 17 1.69 0.80 -11.37
N LYS A 18 0.57 0.42 -11.98
CA LYS A 18 -0.54 1.33 -12.15
C LYS A 18 -0.92 2.00 -10.83
N CYS A 19 -1.70 1.29 -10.03
CA CYS A 19 -2.13 1.81 -8.73
C CYS A 19 -3.05 0.82 -8.02
N GLY A 20 -2.62 0.32 -6.88
CA GLY A 20 -3.42 -0.63 -6.13
C GLY A 20 -3.35 -0.39 -4.63
N MET A 21 -4.18 -1.10 -3.88
CA MET A 21 -4.22 -0.97 -2.44
C MET A 21 -3.64 -2.21 -1.76
N CYS A 22 -2.71 -1.99 -0.83
CA CYS A 22 -2.10 -3.10 -0.11
C CYS A 22 -1.67 -2.66 1.29
N CYS A 23 -1.28 -3.63 2.12
CA CYS A 23 -0.86 -3.34 3.48
C CYS A 23 0.66 -3.40 3.60
N LYS A 24 1.22 -2.57 4.47
CA LYS A 24 2.66 -2.53 4.69
C LYS A 24 3.18 -3.89 5.16
N THR A 25 2.27 -4.73 5.65
CA THR A 25 2.64 -6.05 6.13
C THR A 25 3.98 -6.02 6.87
N ASP A 1 3.74 10.59 13.10
CA ASP A 1 2.31 10.90 13.04
C ASP A 1 1.54 9.75 12.41
N THR A 2 2.21 8.99 11.55
CA THR A 2 1.59 7.85 10.87
C THR A 2 2.16 6.54 11.36
N HIS A 3 1.29 5.69 11.90
CA HIS A 3 1.71 4.39 12.41
C HIS A 3 1.94 3.41 11.26
N PHE A 4 2.13 2.13 11.60
CA PHE A 4 2.36 1.10 10.61
C PHE A 4 2.48 -0.27 11.25
N PRO A 5 2.26 -1.33 10.46
CA PRO A 5 1.93 -1.19 9.04
C PRO A 5 0.53 -0.63 8.82
N ILE A 6 0.21 -0.33 7.56
CA ILE A 6 -1.10 0.21 7.22
C ILE A 6 -1.51 -0.19 5.81
N CYS A 7 -2.82 -0.23 5.57
CA CYS A 7 -3.34 -0.60 4.26
C CYS A 7 -3.93 0.62 3.55
N ILE A 8 -3.41 0.90 2.36
CA ILE A 8 -3.89 2.04 1.58
C ILE A 8 -3.52 1.88 0.11
N PHE A 9 -3.93 2.85 -0.71
CA PHE A 9 -3.63 2.83 -2.14
C PHE A 9 -2.25 3.39 -2.42
N CYS A 10 -1.65 2.93 -3.52
CA CYS A 10 -0.31 3.39 -3.90
C CYS A 10 -0.01 3.02 -5.35
N CYS A 11 0.69 3.91 -6.05
CA CYS A 11 1.04 3.67 -7.44
C CYS A 11 2.44 3.07 -7.55
N GLY A 12 2.52 1.75 -7.47
CA GLY A 12 3.79 1.07 -7.56
C GLY A 12 4.14 0.31 -6.29
N CYS A 13 3.19 -0.47 -5.79
CA CYS A 13 3.39 -1.26 -4.57
C CYS A 13 2.82 -2.65 -4.73
N CYS A 14 3.23 -3.56 -3.83
CA CYS A 14 2.75 -4.94 -3.87
C CYS A 14 2.53 -5.40 -5.31
N HIS A 15 3.51 -5.11 -6.17
CA HIS A 15 3.42 -5.50 -7.57
C HIS A 15 2.22 -4.85 -8.25
N ARG A 16 2.23 -3.52 -8.30
CA ARG A 16 1.13 -2.78 -8.93
C ARG A 16 1.63 -1.43 -9.45
N SER A 17 2.29 -1.46 -10.61
CA SER A 17 2.81 -0.24 -11.21
C SER A 17 1.72 0.82 -11.33
N LYS A 18 0.60 0.45 -11.94
CA LYS A 18 -0.51 1.37 -12.12
C LYS A 18 -0.89 2.03 -10.79
N CYS A 19 -1.68 1.31 -9.99
CA CYS A 19 -2.11 1.82 -8.70
C CYS A 19 -3.05 0.85 -8.01
N GLY A 20 -2.62 0.31 -6.86
CA GLY A 20 -3.43 -0.64 -6.13
C GLY A 20 -3.38 -0.40 -4.64
N MET A 21 -4.22 -1.13 -3.90
CA MET A 21 -4.27 -0.99 -2.45
C MET A 21 -3.69 -2.22 -1.76
N CYS A 22 -2.73 -2.00 -0.87
CA CYS A 22 -2.11 -3.09 -0.14
C CYS A 22 -1.65 -2.63 1.24
N CYS A 23 -1.23 -3.58 2.07
CA CYS A 23 -0.77 -3.28 3.42
C CYS A 23 0.75 -3.32 3.50
N LYS A 24 1.33 -2.47 4.34
CA LYS A 24 2.77 -2.40 4.51
C LYS A 24 3.32 -3.73 5.01
N THR A 25 2.43 -4.58 5.54
CA THR A 25 2.82 -5.88 6.06
C THR A 25 4.17 -5.81 6.77
N ASP A 1 1.34 9.53 12.87
CA ASP A 1 -0.07 9.83 13.13
C ASP A 1 -0.94 8.60 12.92
N THR A 2 -0.48 7.70 12.04
CA THR A 2 -1.22 6.48 11.74
C THR A 2 -0.42 5.25 12.15
N HIS A 3 -1.05 4.37 12.92
CA HIS A 3 -0.40 3.14 13.38
C HIS A 3 -0.08 2.23 12.20
N PHE A 4 0.73 1.21 12.45
CA PHE A 4 1.11 0.26 11.42
C PHE A 4 1.11 -1.17 11.95
N PRO A 5 1.02 -2.15 11.05
CA PRO A 5 0.93 -1.88 9.60
C PRO A 5 -0.42 -1.26 9.22
N ILE A 6 -0.54 -0.87 7.96
CA ILE A 6 -1.77 -0.25 7.47
C ILE A 6 -1.95 -0.53 5.98
N CYS A 7 -3.20 -0.52 5.53
CA CYS A 7 -3.51 -0.77 4.13
C CYS A 7 -4.00 0.52 3.45
N ILE A 8 -3.37 0.86 2.33
CA ILE A 8 -3.75 2.06 1.59
C ILE A 8 -3.40 1.93 0.12
N PHE A 9 -3.85 2.89 -0.69
CA PHE A 9 -3.58 2.87 -2.12
C PHE A 9 -2.19 3.44 -2.42
N CYS A 10 -1.61 3.00 -3.54
CA CYS A 10 -0.29 3.45 -3.94
C CYS A 10 0.01 3.06 -5.38
N CYS A 11 0.70 3.94 -6.10
CA CYS A 11 1.04 3.68 -7.49
C CYS A 11 2.44 3.07 -7.60
N GLY A 12 2.50 1.75 -7.52
CA GLY A 12 3.78 1.06 -7.61
C GLY A 12 4.13 0.32 -6.33
N CYS A 13 3.18 -0.46 -5.82
CA CYS A 13 3.40 -1.22 -4.60
C CYS A 13 2.81 -2.63 -4.72
N CYS A 14 3.24 -3.52 -3.83
CA CYS A 14 2.77 -4.89 -3.84
C CYS A 14 2.56 -5.38 -5.27
N HIS A 15 3.50 -5.05 -6.15
CA HIS A 15 3.42 -5.47 -7.55
C HIS A 15 2.21 -4.83 -8.23
N ARG A 16 2.20 -3.50 -8.27
CA ARG A 16 1.10 -2.77 -8.89
C ARG A 16 1.59 -1.43 -9.46
N SER A 17 2.24 -1.49 -10.61
CA SER A 17 2.76 -0.28 -11.26
C SER A 17 1.68 0.77 -11.38
N LYS A 18 0.55 0.40 -11.98
CA LYS A 18 -0.56 1.33 -12.16
C LYS A 18 -0.93 2.00 -10.84
N CYS A 19 -1.71 1.31 -10.02
CA CYS A 19 -2.13 1.85 -8.73
C CYS A 19 -3.07 0.87 -8.02
N GLY A 20 -2.63 0.35 -6.87
CA GLY A 20 -3.44 -0.58 -6.11
C GLY A 20 -3.33 -0.36 -4.62
N MET A 21 -4.11 -1.10 -3.85
CA MET A 21 -4.10 -0.99 -2.40
C MET A 21 -3.35 -2.16 -1.77
N CYS A 22 -2.37 -1.86 -0.94
CA CYS A 22 -1.57 -2.89 -0.27
C CYS A 22 -1.36 -2.55 1.20
N CYS A 23 -1.03 -3.56 1.99
CA CYS A 23 -0.80 -3.37 3.42
C CYS A 23 0.68 -3.41 3.74
N LYS A 24 1.09 -2.65 4.76
CA LYS A 24 2.48 -2.60 5.17
C LYS A 24 2.98 -3.98 5.60
N THR A 25 2.04 -4.87 5.89
CA THR A 25 2.37 -6.22 6.32
C THR A 25 3.57 -6.22 7.25
N ASP A 1 3.04 11.03 12.03
CA ASP A 1 2.75 10.11 13.12
C ASP A 1 1.53 9.24 12.79
N THR A 2 1.77 7.93 12.66
CA THR A 2 0.70 7.00 12.34
C THR A 2 1.05 5.59 12.80
N HIS A 3 0.04 4.74 12.92
CA HIS A 3 0.24 3.36 13.35
C HIS A 3 0.63 2.47 12.17
N PHE A 4 0.77 1.18 12.44
CA PHE A 4 1.13 0.22 11.40
C PHE A 4 1.12 -1.21 11.94
N PRO A 5 1.02 -2.19 11.03
CA PRO A 5 0.92 -1.92 9.59
C PRO A 5 -0.41 -1.29 9.21
N ILE A 6 -0.52 -0.88 7.95
CA ILE A 6 -1.75 -0.26 7.46
C ILE A 6 -1.94 -0.52 5.97
N CYS A 7 -3.19 -0.53 5.53
CA CYS A 7 -3.51 -0.77 4.13
C CYS A 7 -4.00 0.52 3.45
N ILE A 8 -3.37 0.86 2.33
CA ILE A 8 -3.75 2.06 1.59
C ILE A 8 -3.40 1.93 0.12
N PHE A 9 -3.85 2.90 -0.68
CA PHE A 9 -3.58 2.89 -2.12
C PHE A 9 -2.19 3.44 -2.42
N CYS A 10 -1.62 3.01 -3.54
CA CYS A 10 -0.29 3.45 -3.94
C CYS A 10 0.00 3.06 -5.38
N CYS A 11 0.70 3.94 -6.10
CA CYS A 11 1.04 3.68 -7.49
C CYS A 11 2.43 3.07 -7.60
N GLY A 12 2.50 1.75 -7.52
CA GLY A 12 3.77 1.06 -7.61
C GLY A 12 4.13 0.32 -6.34
N CYS A 13 3.18 -0.46 -5.82
CA CYS A 13 3.39 -1.22 -4.59
C CYS A 13 2.81 -2.63 -4.72
N CYS A 14 3.24 -3.52 -3.83
CA CYS A 14 2.77 -4.89 -3.84
C CYS A 14 2.56 -5.38 -5.27
N HIS A 15 3.50 -5.06 -6.15
CA HIS A 15 3.43 -5.46 -7.55
C HIS A 15 2.22 -4.83 -8.23
N ARG A 16 2.20 -3.50 -8.27
CA ARG A 16 1.11 -2.77 -8.90
C ARG A 16 1.59 -1.43 -9.46
N SER A 17 2.25 -1.49 -10.62
CA SER A 17 2.77 -0.28 -11.26
C SER A 17 1.68 0.78 -11.38
N LYS A 18 0.55 0.40 -11.98
CA LYS A 18 -0.57 1.32 -12.16
C LYS A 18 -0.93 2.00 -10.84
N CYS A 19 -1.71 1.31 -10.02
CA CYS A 19 -2.12 1.84 -8.73
C CYS A 19 -3.07 0.87 -8.02
N GLY A 20 -2.63 0.37 -6.86
CA GLY A 20 -3.45 -0.57 -6.11
C GLY A 20 -3.33 -0.36 -4.62
N MET A 21 -4.12 -1.10 -3.85
CA MET A 21 -4.10 -0.98 -2.40
C MET A 21 -3.36 -2.16 -1.77
N CYS A 22 -2.37 -1.86 -0.94
CA CYS A 22 -1.58 -2.89 -0.27
C CYS A 22 -1.37 -2.55 1.20
N CYS A 23 -1.04 -3.56 1.98
CA CYS A 23 -0.81 -3.38 3.42
C CYS A 23 0.69 -3.42 3.74
N LYS A 24 1.09 -2.67 4.76
CA LYS A 24 2.48 -2.62 5.17
C LYS A 24 2.98 -3.99 5.61
N THR A 25 2.03 -4.89 5.89
CA THR A 25 2.36 -6.24 6.31
C THR A 25 3.58 -6.25 7.24
N ASP A 1 -0.95 9.27 15.76
CA ASP A 1 -1.04 9.83 14.41
C ASP A 1 -1.42 8.75 13.40
N THR A 2 -0.51 7.80 13.19
CA THR A 2 -0.74 6.72 12.25
C THR A 2 -0.10 5.42 12.74
N HIS A 3 -0.93 4.40 12.95
CA HIS A 3 -0.44 3.11 13.41
C HIS A 3 -0.12 2.19 12.23
N PHE A 4 0.72 1.19 12.47
CA PHE A 4 1.11 0.26 11.43
C PHE A 4 1.13 -1.18 11.96
N PRO A 5 1.04 -2.15 11.05
CA PRO A 5 0.94 -1.88 9.61
C PRO A 5 -0.41 -1.27 9.23
N ILE A 6 -0.54 -0.88 7.97
CA ILE A 6 -1.77 -0.28 7.47
C ILE A 6 -1.96 -0.54 5.98
N CYS A 7 -3.20 -0.53 5.53
CA CYS A 7 -3.51 -0.77 4.13
C CYS A 7 -4.00 0.51 3.46
N ILE A 8 -3.37 0.86 2.33
CA ILE A 8 -3.74 2.07 1.60
C ILE A 8 -3.40 1.93 0.12
N PHE A 9 -3.84 2.90 -0.67
CA PHE A 9 -3.58 2.89 -2.11
C PHE A 9 -2.18 3.44 -2.41
N CYS A 10 -1.62 3.01 -3.54
CA CYS A 10 -0.29 3.46 -3.94
C CYS A 10 0.00 3.07 -5.39
N CYS A 11 0.70 3.94 -6.10
CA CYS A 11 1.04 3.68 -7.49
C CYS A 11 2.43 3.07 -7.61
N GLY A 12 2.50 1.75 -7.51
CA GLY A 12 3.77 1.06 -7.61
C GLY A 12 4.13 0.32 -6.34
N CYS A 13 3.17 -0.45 -5.82
CA CYS A 13 3.39 -1.22 -4.59
C CYS A 13 2.81 -2.63 -4.72
N CYS A 14 3.24 -3.52 -3.83
CA CYS A 14 2.77 -4.89 -3.84
C CYS A 14 2.56 -5.38 -5.27
N HIS A 15 3.50 -5.06 -6.15
CA HIS A 15 3.44 -5.46 -7.54
C HIS A 15 2.23 -4.83 -8.23
N ARG A 16 2.21 -3.50 -8.28
CA ARG A 16 1.12 -2.78 -8.90
C ARG A 16 1.60 -1.44 -9.46
N SER A 17 2.25 -1.48 -10.61
CA SER A 17 2.78 -0.28 -11.25
C SER A 17 1.68 0.78 -11.38
N LYS A 18 0.56 0.40 -11.97
CA LYS A 18 -0.56 1.31 -12.16
C LYS A 18 -0.93 2.00 -10.84
N CYS A 19 -1.71 1.30 -10.02
CA CYS A 19 -2.13 1.84 -8.74
C CYS A 19 -3.08 0.88 -8.02
N GLY A 20 -2.64 0.36 -6.88
CA GLY A 20 -3.46 -0.56 -6.11
C GLY A 20 -3.33 -0.36 -4.62
N MET A 21 -4.13 -1.09 -3.86
CA MET A 21 -4.11 -0.98 -2.39
C MET A 21 -3.36 -2.16 -1.77
N CYS A 22 -2.38 -1.85 -0.94
CA CYS A 22 -1.59 -2.89 -0.28
C CYS A 22 -1.37 -2.55 1.19
N CYS A 23 -1.04 -3.56 1.98
CA CYS A 23 -0.81 -3.37 3.41
C CYS A 23 0.69 -3.42 3.73
N LYS A 24 1.09 -2.67 4.74
CA LYS A 24 2.49 -2.62 5.16
C LYS A 24 2.98 -4.00 5.58
N THR A 25 2.03 -4.90 5.87
CA THR A 25 2.36 -6.25 6.29
C THR A 25 3.58 -6.25 7.21
N ASP A 1 1.01 10.59 15.50
CA ASP A 1 0.00 9.56 15.33
C ASP A 1 0.30 8.69 14.11
N THR A 2 1.29 7.81 14.24
CA THR A 2 1.68 6.93 13.15
C THR A 2 1.56 5.47 13.55
N HIS A 3 0.53 4.80 13.05
CA HIS A 3 0.30 3.40 13.36
C HIS A 3 0.70 2.50 12.19
N PHE A 4 0.80 1.20 12.44
CA PHE A 4 1.17 0.26 11.40
C PHE A 4 1.16 -1.17 11.94
N PRO A 5 1.07 -2.15 11.03
CA PRO A 5 0.96 -1.89 9.59
C PRO A 5 -0.37 -1.27 9.21
N ILE A 6 -0.49 -0.85 7.95
CA ILE A 6 -1.72 -0.24 7.47
C ILE A 6 -1.91 -0.51 5.97
N CYS A 7 -3.17 -0.51 5.54
CA CYS A 7 -3.49 -0.74 4.14
C CYS A 7 -3.97 0.53 3.46
N ILE A 8 -3.36 0.88 2.34
CA ILE A 8 -3.73 2.09 1.60
C ILE A 8 -3.38 1.95 0.13
N PHE A 9 -3.83 2.91 -0.68
CA PHE A 9 -3.58 2.89 -2.11
C PHE A 9 -2.18 3.44 -2.42
N CYS A 10 -1.61 3.01 -3.54
CA CYS A 10 -0.29 3.46 -3.94
C CYS A 10 0.00 3.07 -5.39
N CYS A 11 0.70 3.94 -6.11
CA CYS A 11 1.04 3.69 -7.50
C CYS A 11 2.43 3.07 -7.61
N GLY A 12 2.50 1.75 -7.52
CA GLY A 12 3.77 1.06 -7.62
C GLY A 12 4.13 0.32 -6.34
N CYS A 13 3.18 -0.45 -5.83
CA CYS A 13 3.39 -1.22 -4.59
C CYS A 13 2.82 -2.62 -4.72
N CYS A 14 3.24 -3.52 -3.83
CA CYS A 14 2.77 -4.89 -3.84
C CYS A 14 2.56 -5.39 -5.27
N HIS A 15 3.51 -5.05 -6.14
CA HIS A 15 3.43 -5.47 -7.54
C HIS A 15 2.23 -4.82 -8.23
N ARG A 16 2.21 -3.51 -8.27
CA ARG A 16 1.11 -2.77 -8.90
C ARG A 16 1.59 -1.43 -9.46
N SER A 17 2.25 -1.49 -10.62
CA SER A 17 2.76 -0.29 -11.25
C SER A 17 1.67 0.78 -11.38
N LYS A 18 0.55 0.40 -11.97
CA LYS A 18 -0.57 1.31 -12.16
C LYS A 18 -0.93 1.99 -10.84
N CYS A 19 -1.71 1.30 -10.02
CA CYS A 19 -2.14 1.84 -8.73
C CYS A 19 -3.08 0.87 -8.01
N GLY A 20 -2.63 0.37 -6.86
CA GLY A 20 -3.45 -0.56 -6.10
C GLY A 20 -3.33 -0.35 -4.61
N MET A 21 -4.12 -1.08 -3.84
CA MET A 21 -4.10 -0.98 -2.39
C MET A 21 -3.35 -2.15 -1.77
N CYS A 22 -2.37 -1.85 -0.93
CA CYS A 22 -1.58 -2.87 -0.27
C CYS A 22 -1.36 -2.53 1.20
N CYS A 23 -1.02 -3.55 1.99
CA CYS A 23 -0.78 -3.35 3.42
C CYS A 23 0.71 -3.40 3.74
N LYS A 24 1.11 -2.65 4.76
CA LYS A 24 2.51 -2.61 5.16
C LYS A 24 3.00 -3.98 5.59
N THR A 25 2.06 -4.87 5.87
CA THR A 25 2.40 -6.23 6.30
C THR A 25 3.61 -6.23 7.22
N ASP A 1 2.21 10.51 11.71
CA ASP A 1 1.49 10.30 12.97
C ASP A 1 0.41 9.23 12.81
N THR A 2 0.82 8.06 12.32
CA THR A 2 -0.11 6.95 12.13
C THR A 2 0.49 5.64 12.59
N HIS A 3 -0.36 4.68 12.91
CA HIS A 3 0.08 3.36 13.37
C HIS A 3 0.48 2.48 12.19
N PHE A 4 0.71 1.21 12.46
CA PHE A 4 1.09 0.26 11.43
C PHE A 4 1.09 -1.18 11.97
N PRO A 5 1.00 -2.15 11.06
CA PRO A 5 0.90 -1.88 9.62
C PRO A 5 -0.43 -1.27 9.23
N ILE A 6 -0.55 -0.87 7.97
CA ILE A 6 -1.78 -0.27 7.47
C ILE A 6 -1.96 -0.52 5.98
N CYS A 7 -3.21 -0.52 5.53
CA CYS A 7 -3.52 -0.76 4.13
C CYS A 7 -4.00 0.52 3.45
N ILE A 8 -3.37 0.86 2.33
CA ILE A 8 -3.75 2.06 1.59
C ILE A 8 -3.40 1.93 0.12
N PHE A 9 -3.84 2.89 -0.69
CA PHE A 9 -3.58 2.88 -2.12
C PHE A 9 -2.19 3.44 -2.42
N CYS A 10 -1.61 3.00 -3.53
CA CYS A 10 -0.29 3.45 -3.94
C CYS A 10 0.01 3.06 -5.38
N CYS A 11 0.70 3.94 -6.10
CA CYS A 11 1.04 3.68 -7.49
C CYS A 11 2.44 3.08 -7.61
N GLY A 12 2.50 1.75 -7.52
CA GLY A 12 3.78 1.06 -7.61
C GLY A 12 4.13 0.32 -6.33
N CYS A 13 3.18 -0.46 -5.82
CA CYS A 13 3.40 -1.22 -4.60
C CYS A 13 2.83 -2.62 -4.72
N CYS A 14 3.24 -3.52 -3.83
CA CYS A 14 2.77 -4.89 -3.84
C CYS A 14 2.56 -5.38 -5.27
N HIS A 15 3.50 -5.06 -6.16
CA HIS A 15 3.42 -5.47 -7.55
C HIS A 15 2.21 -4.83 -8.23
N ARG A 16 2.20 -3.50 -8.27
CA ARG A 16 1.10 -2.77 -8.89
C ARG A 16 1.59 -1.43 -9.46
N SER A 17 2.24 -1.49 -10.61
CA SER A 17 2.76 -0.28 -11.26
C SER A 17 1.67 0.78 -11.38
N LYS A 18 0.55 0.41 -11.98
CA LYS A 18 -0.56 1.33 -12.16
C LYS A 18 -0.93 2.01 -10.84
N CYS A 19 -1.71 1.31 -10.02
CA CYS A 19 -2.12 1.84 -8.73
C CYS A 19 -3.07 0.87 -8.02
N GLY A 20 -2.62 0.36 -6.87
CA GLY A 20 -3.44 -0.58 -6.12
C GLY A 20 -3.32 -0.37 -4.62
N MET A 21 -4.12 -1.11 -3.86
CA MET A 21 -4.10 -0.99 -2.40
C MET A 21 -3.35 -2.16 -1.77
N CYS A 22 -2.37 -1.86 -0.94
CA CYS A 22 -1.57 -2.89 -0.27
C CYS A 22 -1.36 -2.55 1.20
N CYS A 23 -1.03 -3.56 2.00
CA CYS A 23 -0.80 -3.37 3.42
C CYS A 23 0.68 -3.41 3.74
N LYS A 24 1.09 -2.65 4.76
CA LYS A 24 2.48 -2.60 5.17
C LYS A 24 2.97 -3.99 5.61
N THR A 25 2.03 -4.88 5.89
CA THR A 25 2.36 -6.24 6.32
C THR A 25 3.57 -6.23 7.25
N ASP A 1 2.52 8.85 16.04
CA ASP A 1 1.34 9.42 15.41
C ASP A 1 0.69 8.43 14.45
N THR A 2 1.48 7.98 13.47
CA THR A 2 0.98 7.03 12.48
C THR A 2 1.22 5.60 12.94
N HIS A 3 0.15 4.80 12.95
CA HIS A 3 0.23 3.40 13.37
C HIS A 3 0.63 2.50 12.19
N PHE A 4 0.72 1.21 12.45
CA PHE A 4 1.08 0.25 11.41
C PHE A 4 1.06 -1.18 11.97
N PRO A 5 0.97 -2.16 11.05
CA PRO A 5 0.88 -1.90 9.62
C PRO A 5 -0.46 -1.27 9.23
N ILE A 6 -0.57 -0.85 7.96
CA ILE A 6 -1.79 -0.24 7.46
C ILE A 6 -1.98 -0.51 5.98
N CYS A 7 -3.23 -0.51 5.53
CA CYS A 7 -3.54 -0.76 4.13
C CYS A 7 -4.02 0.52 3.46
N ILE A 8 -3.40 0.87 2.34
CA ILE A 8 -3.76 2.06 1.59
C ILE A 8 -3.40 1.93 0.12
N PHE A 9 -3.86 2.89 -0.69
CA PHE A 9 -3.59 2.87 -2.13
C PHE A 9 -2.20 3.43 -2.43
N CYS A 10 -1.62 2.99 -3.53
CA CYS A 10 -0.30 3.45 -3.94
C CYS A 10 0.00 3.06 -5.38
N CYS A 11 0.70 3.93 -6.10
CA CYS A 11 1.05 3.68 -7.49
C CYS A 11 2.46 3.08 -7.59
N GLY A 12 2.53 1.76 -7.51
CA GLY A 12 3.81 1.08 -7.60
C GLY A 12 4.16 0.32 -6.33
N CYS A 13 3.19 -0.43 -5.80
CA CYS A 13 3.40 -1.21 -4.59
C CYS A 13 2.81 -2.60 -4.73
N CYS A 14 3.21 -3.50 -3.83
CA CYS A 14 2.73 -4.88 -3.86
C CYS A 14 2.51 -5.36 -5.29
N HIS A 15 3.49 -5.07 -6.15
CA HIS A 15 3.41 -5.47 -7.55
C HIS A 15 2.21 -4.83 -8.23
N ARG A 16 2.20 -3.51 -8.29
CA ARG A 16 1.11 -2.78 -8.93
C ARG A 16 1.59 -1.44 -9.47
N SER A 17 2.23 -1.49 -10.64
CA SER A 17 2.76 -0.29 -11.28
C SER A 17 1.68 0.78 -11.39
N LYS A 18 0.54 0.41 -11.99
CA LYS A 18 -0.57 1.33 -12.15
C LYS A 18 -0.93 2.00 -10.82
N CYS A 19 -1.70 1.30 -10.01
CA CYS A 19 -2.12 1.83 -8.72
C CYS A 19 -3.05 0.86 -8.00
N GLY A 20 -2.61 0.34 -6.87
CA GLY A 20 -3.42 -0.59 -6.10
C GLY A 20 -3.31 -0.38 -4.61
N MET A 21 -4.10 -1.12 -3.84
CA MET A 21 -4.09 -1.00 -2.39
C MET A 21 -3.35 -2.17 -1.76
N CYS A 22 -2.37 -1.86 -0.92
CA CYS A 22 -1.58 -2.90 -0.25
C CYS A 22 -1.38 -2.55 1.23
N CYS A 23 -1.05 -3.56 2.03
CA CYS A 23 -0.82 -3.36 3.45
C CYS A 23 0.66 -3.41 3.78
N LYS A 24 1.06 -2.65 4.79
CA LYS A 24 2.45 -2.60 5.22
C LYS A 24 2.94 -3.97 5.66
N THR A 25 2.00 -4.86 5.94
CA THR A 25 2.33 -6.22 6.38
C THR A 25 3.52 -6.21 7.31
N ASP A 1 -4.44 5.20 19.40
CA ASP A 1 -4.76 5.48 18.00
C ASP A 1 -4.22 4.40 17.08
N THR A 2 -4.68 4.40 15.84
CA THR A 2 -4.25 3.41 14.86
C THR A 2 -2.72 3.35 14.78
N HIS A 3 -2.20 2.21 14.34
CA HIS A 3 -0.76 2.03 14.22
C HIS A 3 -0.44 0.97 13.17
N PHE A 4 0.68 1.16 12.47
CA PHE A 4 1.10 0.22 11.44
C PHE A 4 1.10 -1.21 11.97
N PRO A 5 1.01 -2.18 11.05
CA PRO A 5 0.92 -1.91 9.62
C PRO A 5 -0.43 -1.29 9.24
N ILE A 6 -0.55 -0.89 7.97
CA ILE A 6 -1.77 -0.28 7.47
C ILE A 6 -1.96 -0.55 5.99
N CYS A 7 -3.20 -0.53 5.53
CA CYS A 7 -3.51 -0.77 4.13
C CYS A 7 -4.00 0.51 3.46
N ILE A 8 -3.37 0.86 2.34
CA ILE A 8 -3.74 2.07 1.60
C ILE A 8 -3.40 1.93 0.12
N PHE A 9 -3.83 2.90 -0.68
CA PHE A 9 -3.58 2.89 -2.11
C PHE A 9 -2.18 3.44 -2.42
N CYS A 10 -1.62 3.01 -3.54
CA CYS A 10 -0.29 3.46 -3.94
C CYS A 10 0.00 3.07 -5.39
N CYS A 11 0.70 3.94 -6.10
CA CYS A 11 1.04 3.69 -7.50
C CYS A 11 2.43 3.07 -7.61
N GLY A 12 2.49 1.75 -7.52
CA GLY A 12 3.77 1.06 -7.61
C GLY A 12 4.13 0.32 -6.34
N CYS A 13 3.18 -0.46 -5.82
CA CYS A 13 3.39 -1.22 -4.59
C CYS A 13 2.81 -2.63 -4.72
N CYS A 14 3.24 -3.52 -3.83
CA CYS A 14 2.77 -4.89 -3.84
C CYS A 14 2.56 -5.38 -5.27
N HIS A 15 3.51 -5.05 -6.14
CA HIS A 15 3.43 -5.47 -7.54
C HIS A 15 2.23 -4.83 -8.23
N ARG A 16 2.21 -3.50 -8.28
CA ARG A 16 1.12 -2.78 -8.90
C ARG A 16 1.60 -1.44 -9.46
N SER A 17 2.25 -1.49 -10.62
CA SER A 17 2.76 -0.28 -11.25
C SER A 17 1.68 0.78 -11.38
N LYS A 18 0.55 0.40 -11.98
CA LYS A 18 -0.57 1.31 -12.15
C LYS A 18 -0.93 2.00 -10.84
N CYS A 19 -1.71 1.30 -10.02
CA CYS A 19 -2.13 1.84 -8.74
C CYS A 19 -3.08 0.88 -8.02
N GLY A 20 -2.64 0.36 -6.88
CA GLY A 20 -3.45 -0.56 -6.12
C GLY A 20 -3.33 -0.36 -4.62
N MET A 21 -4.13 -1.08 -3.85
CA MET A 21 -4.10 -0.98 -2.40
C MET A 21 -3.36 -2.16 -1.77
N CYS A 22 -2.37 -1.85 -0.93
CA CYS A 22 -1.59 -2.89 -0.28
C CYS A 22 -1.37 -2.55 1.19
N CYS A 23 -1.04 -3.56 1.98
CA CYS A 23 -0.81 -3.38 3.42
C CYS A 23 0.68 -3.43 3.73
N LYS A 24 1.08 -2.67 4.75
CA LYS A 24 2.49 -2.63 5.17
C LYS A 24 2.97 -4.01 5.59
N THR A 25 2.03 -4.91 5.88
CA THR A 25 2.35 -6.27 6.29
C THR A 25 3.56 -6.27 7.21
N ASP A 1 1.64 11.57 14.75
CA ASP A 1 2.19 10.23 14.99
C ASP A 1 1.73 9.26 13.91
N THR A 2 2.69 8.72 13.16
CA THR A 2 2.39 7.78 12.09
C THR A 2 2.36 6.35 12.61
N HIS A 3 1.31 5.61 12.26
CA HIS A 3 1.17 4.22 12.68
C HIS A 3 1.44 3.27 11.53
N PHE A 4 1.71 2.01 11.86
CA PHE A 4 1.99 1.00 10.85
C PHE A 4 2.09 -0.40 11.49
N PRO A 5 1.91 -1.44 10.67
CA PRO A 5 1.64 -1.27 9.23
C PRO A 5 0.24 -0.70 8.97
N ILE A 6 -0.04 -0.41 7.71
CA ILE A 6 -1.34 0.14 7.33
C ILE A 6 -1.69 -0.23 5.89
N CYS A 7 -2.99 -0.28 5.61
CA CYS A 7 -3.46 -0.63 4.27
C CYS A 7 -3.99 0.60 3.55
N ILE A 8 -3.40 0.91 2.40
CA ILE A 8 -3.82 2.06 1.60
C ILE A 8 -3.45 1.88 0.14
N PHE A 9 -3.80 2.87 -0.68
CA PHE A 9 -3.51 2.81 -2.11
C PHE A 9 -2.09 3.32 -2.40
N CYS A 10 -1.53 2.87 -3.51
CA CYS A 10 -0.18 3.27 -3.90
C CYS A 10 0.09 2.93 -5.37
N CYS A 11 0.74 3.85 -6.07
CA CYS A 11 1.07 3.63 -7.48
C CYS A 11 2.46 3.04 -7.63
N GLY A 12 2.54 1.71 -7.56
CA GLY A 12 3.82 1.04 -7.69
C GLY A 12 4.21 0.28 -6.45
N CYS A 13 3.23 -0.41 -5.85
CA CYS A 13 3.48 -1.20 -4.65
C CYS A 13 2.89 -2.59 -4.78
N CYS A 14 3.30 -3.49 -3.88
CA CYS A 14 2.81 -4.86 -3.89
C CYS A 14 2.55 -5.33 -5.31
N HIS A 15 3.50 -5.06 -6.21
CA HIS A 15 3.36 -5.46 -7.60
C HIS A 15 2.15 -4.82 -8.24
N ARG A 16 2.24 -3.53 -8.55
CA ARG A 16 1.15 -2.80 -9.15
C ARG A 16 1.61 -1.42 -9.64
N SER A 17 2.25 -1.39 -10.80
CA SER A 17 2.75 -0.16 -11.37
C SER A 17 1.64 0.90 -11.43
N LYS A 18 0.52 0.53 -12.03
CA LYS A 18 -0.63 1.44 -12.14
C LYS A 18 -0.96 2.07 -10.80
N CYS A 19 -1.72 1.34 -9.99
CA CYS A 19 -2.11 1.82 -8.67
C CYS A 19 -3.03 0.82 -7.97
N GLY A 20 -2.56 0.28 -6.85
CA GLY A 20 -3.35 -0.69 -6.11
C GLY A 20 -3.31 -0.44 -4.62
N MET A 21 -4.15 -1.16 -3.87
CA MET A 21 -4.21 -1.00 -2.43
C MET A 21 -3.65 -2.24 -1.73
N CYS A 22 -2.70 -2.01 -0.81
CA CYS A 22 -2.08 -3.10 -0.07
C CYS A 22 -1.67 -2.65 1.33
N CYS A 23 -1.29 -3.61 2.17
CA CYS A 23 -0.87 -3.31 3.53
C CYS A 23 0.66 -3.36 3.65
N LYS A 24 1.20 -2.51 4.50
CA LYS A 24 2.64 -2.45 4.73
C LYS A 24 3.17 -3.79 5.24
N THR A 25 2.26 -4.62 5.74
CA THR A 25 2.63 -5.93 6.26
C THR A 25 3.95 -5.87 7.01
N ASP A 1 1.71 11.94 11.48
CA ASP A 1 1.18 10.69 12.00
C ASP A 1 2.26 9.63 12.09
N THR A 2 2.05 8.65 12.96
CA THR A 2 3.02 7.58 13.15
C THR A 2 2.32 6.26 13.51
N HIS A 3 1.92 5.52 12.49
CA HIS A 3 1.24 4.24 12.69
C HIS A 3 1.52 3.28 11.55
N PHE A 4 1.67 2.00 11.87
CA PHE A 4 1.96 0.98 10.87
C PHE A 4 2.05 -0.40 11.50
N PRO A 5 1.88 -1.45 10.68
CA PRO A 5 1.60 -1.28 9.25
C PRO A 5 0.22 -0.72 8.99
N ILE A 6 -0.05 -0.41 7.73
CA ILE A 6 -1.35 0.15 7.33
C ILE A 6 -1.70 -0.23 5.90
N CYS A 7 -3.00 -0.28 5.61
CA CYS A 7 -3.47 -0.62 4.27
C CYS A 7 -4.00 0.61 3.55
N ILE A 8 -3.40 0.91 2.40
CA ILE A 8 -3.81 2.06 1.60
C ILE A 8 -3.44 1.88 0.13
N PHE A 9 -3.79 2.87 -0.68
CA PHE A 9 -3.50 2.81 -2.11
C PHE A 9 -2.08 3.31 -2.39
N CYS A 10 -1.52 2.87 -3.52
CA CYS A 10 -0.18 3.27 -3.91
C CYS A 10 0.10 2.92 -5.37
N CYS A 11 0.75 3.84 -6.07
CA CYS A 11 1.07 3.64 -7.49
C CYS A 11 2.47 3.04 -7.65
N GLY A 12 2.55 1.71 -7.57
CA GLY A 12 3.83 1.04 -7.71
C GLY A 12 4.22 0.27 -6.46
N CYS A 13 3.25 -0.41 -5.86
CA CYS A 13 3.49 -1.18 -4.65
C CYS A 13 2.89 -2.59 -4.78
N CYS A 14 3.31 -3.49 -3.89
CA CYS A 14 2.82 -4.85 -3.90
C CYS A 14 2.55 -5.33 -5.32
N HIS A 15 3.50 -5.06 -6.21
CA HIS A 15 3.36 -5.46 -7.61
C HIS A 15 2.13 -4.81 -8.25
N ARG A 16 2.24 -3.52 -8.56
CA ARG A 16 1.14 -2.79 -9.17
C ARG A 16 1.60 -1.42 -9.65
N SER A 17 2.24 -1.39 -10.81
CA SER A 17 2.73 -0.15 -11.39
C SER A 17 1.63 0.91 -11.44
N LYS A 18 0.50 0.53 -12.03
CA LYS A 18 -0.63 1.45 -12.15
C LYS A 18 -0.97 2.07 -10.80
N CYS A 19 -1.72 1.34 -9.99
CA CYS A 19 -2.12 1.82 -8.66
C CYS A 19 -3.03 0.82 -7.97
N GLY A 20 -2.55 0.27 -6.86
CA GLY A 20 -3.33 -0.70 -6.11
C GLY A 20 -3.30 -0.45 -4.61
N MET A 21 -4.14 -1.16 -3.88
CA MET A 21 -4.20 -1.01 -2.42
C MET A 21 -3.64 -2.25 -1.72
N CYS A 22 -2.70 -2.02 -0.81
CA CYS A 22 -2.08 -3.10 -0.07
C CYS A 22 -1.67 -2.66 1.33
N CYS A 23 -1.29 -3.61 2.17
CA CYS A 23 -0.87 -3.31 3.54
C CYS A 23 0.64 -3.36 3.66
N LYS A 24 1.19 -2.50 4.52
CA LYS A 24 2.63 -2.46 4.75
C LYS A 24 3.15 -3.80 5.24
N THR A 25 2.25 -4.62 5.75
CA THR A 25 2.61 -5.94 6.27
C THR A 25 3.94 -5.88 7.02
N ASP A 1 -4.46 -4.31 13.98
CA ASP A 1 -5.78 -3.68 14.14
C ASP A 1 -5.71 -2.21 13.77
N THR A 2 -4.56 -1.58 14.03
CA THR A 2 -4.37 -0.17 13.72
C THR A 2 -3.23 0.03 12.74
N HIS A 3 -2.86 1.29 12.50
CA HIS A 3 -1.78 1.62 11.59
C HIS A 3 -0.52 0.83 11.93
N PHE A 4 0.30 0.56 10.92
CA PHE A 4 1.54 -0.17 11.13
C PHE A 4 1.25 -1.60 11.61
N PRO A 5 1.01 -2.50 10.65
CA PRO A 5 1.04 -2.17 9.22
C PRO A 5 -0.15 -1.30 8.82
N ILE A 6 -0.01 -0.61 7.69
CA ILE A 6 -1.06 0.26 7.19
C ILE A 6 -1.49 -0.16 5.78
N CYS A 7 -2.80 -0.22 5.56
CA CYS A 7 -3.34 -0.58 4.25
C CYS A 7 -3.92 0.63 3.54
N ILE A 8 -3.41 0.91 2.35
CA ILE A 8 -3.87 2.05 1.56
C ILE A 8 -3.51 1.89 0.09
N PHE A 9 -3.91 2.85 -0.72
CA PHE A 9 -3.63 2.83 -2.15
C PHE A 9 -2.24 3.39 -2.44
N CYS A 10 -1.62 2.93 -3.52
CA CYS A 10 -0.29 3.39 -3.90
C CYS A 10 0.01 3.01 -5.35
N CYS A 11 0.70 3.91 -6.05
CA CYS A 11 1.05 3.67 -7.44
C CYS A 11 2.46 3.07 -7.55
N GLY A 12 2.54 1.75 -7.48
CA GLY A 12 3.82 1.08 -7.57
C GLY A 12 4.17 0.32 -6.31
N CYS A 13 3.23 -0.48 -5.81
CA CYS A 13 3.43 -1.25 -4.60
C CYS A 13 2.85 -2.65 -4.74
N CYS A 14 3.25 -3.55 -3.84
CA CYS A 14 2.77 -4.93 -3.87
C CYS A 14 2.54 -5.39 -5.30
N HIS A 15 3.50 -5.12 -6.17
CA HIS A 15 3.41 -5.52 -7.57
C HIS A 15 2.20 -4.85 -8.25
N ARG A 16 2.22 -3.53 -8.31
CA ARG A 16 1.13 -2.78 -8.92
C ARG A 16 1.63 -1.44 -9.45
N SER A 17 2.24 -1.47 -10.64
CA SER A 17 2.75 -0.26 -11.27
C SER A 17 1.68 0.82 -11.36
N LYS A 18 0.55 0.47 -11.97
CA LYS A 18 -0.55 1.40 -12.13
C LYS A 18 -0.91 2.05 -10.80
N CYS A 19 -1.69 1.33 -9.99
CA CYS A 19 -2.11 1.83 -8.69
C CYS A 19 -3.04 0.84 -7.99
N GLY A 20 -2.59 0.30 -6.87
CA GLY A 20 -3.38 -0.66 -6.12
C GLY A 20 -3.35 -0.41 -4.63
N MET A 21 -4.19 -1.13 -3.89
CA MET A 21 -4.25 -0.98 -2.44
C MET A 21 -3.68 -2.22 -1.75
N CYS A 22 -2.73 -2.00 -0.85
CA CYS A 22 -2.10 -3.09 -0.12
C CYS A 22 -1.66 -2.63 1.27
N CYS A 23 -1.25 -3.59 2.10
CA CYS A 23 -0.80 -3.28 3.45
C CYS A 23 0.72 -3.33 3.54
N LYS A 24 1.28 -2.48 4.40
CA LYS A 24 2.73 -2.43 4.58
C LYS A 24 3.27 -3.77 5.06
N THR A 25 2.38 -4.62 5.58
CA THR A 25 2.76 -5.93 6.08
C THR A 25 4.11 -5.88 6.79
N ASP A 1 3.79 11.99 11.85
CA ASP A 1 3.94 10.59 12.25
C ASP A 1 2.66 9.81 11.92
N THR A 2 2.81 8.49 11.79
CA THR A 2 1.68 7.63 11.48
C THR A 2 1.94 6.20 11.94
N HIS A 3 0.88 5.52 12.36
CA HIS A 3 0.99 4.14 12.83
C HIS A 3 1.27 3.19 11.67
N PHE A 4 1.58 1.95 12.00
CA PHE A 4 1.87 0.94 10.98
C PHE A 4 1.97 -0.45 11.61
N PRO A 5 1.81 -1.48 10.76
CA PRO A 5 1.55 -1.31 9.33
C PRO A 5 0.16 -0.73 9.05
N ILE A 6 -0.12 -0.45 7.78
CA ILE A 6 -1.41 0.10 7.39
C ILE A 6 -1.73 -0.26 5.95
N CYS A 7 -3.03 -0.28 5.63
CA CYS A 7 -3.47 -0.61 4.28
C CYS A 7 -3.98 0.63 3.56
N ILE A 8 -3.38 0.92 2.40
CA ILE A 8 -3.77 2.09 1.61
C ILE A 8 -3.43 1.89 0.14
N PHE A 9 -3.75 2.88 -0.68
CA PHE A 9 -3.48 2.82 -2.11
C PHE A 9 -2.09 3.36 -2.43
N CYS A 10 -1.50 2.87 -3.51
CA CYS A 10 -0.17 3.30 -3.92
C CYS A 10 0.09 2.97 -5.38
N CYS A 11 0.74 3.89 -6.09
CA CYS A 11 1.04 3.70 -7.51
C CYS A 11 2.44 3.12 -7.68
N GLY A 12 2.53 1.79 -7.60
CA GLY A 12 3.82 1.13 -7.76
C GLY A 12 4.24 0.38 -6.51
N CYS A 13 3.31 -0.39 -5.95
CA CYS A 13 3.59 -1.17 -4.74
C CYS A 13 2.98 -2.57 -4.84
N CYS A 14 3.36 -3.43 -3.92
CA CYS A 14 2.85 -4.80 -3.89
C CYS A 14 2.58 -5.31 -5.31
N HIS A 15 3.55 -5.12 -6.19
CA HIS A 15 3.42 -5.55 -7.58
C HIS A 15 2.21 -4.90 -8.24
N ARG A 16 2.26 -3.58 -8.38
CA ARG A 16 1.16 -2.84 -8.99
C ARG A 16 1.65 -1.49 -9.51
N SER A 17 2.13 -1.47 -10.75
CA SER A 17 2.63 -0.24 -11.36
C SER A 17 1.55 0.83 -11.37
N LYS A 18 0.44 0.53 -12.04
CA LYS A 18 -0.67 1.47 -12.15
C LYS A 18 -0.99 2.08 -10.79
N CYS A 19 -1.77 1.37 -9.99
CA CYS A 19 -2.15 1.84 -8.66
C CYS A 19 -3.05 0.83 -7.96
N GLY A 20 -2.57 0.27 -6.85
CA GLY A 20 -3.34 -0.70 -6.11
C GLY A 20 -3.32 -0.44 -4.62
N MET A 21 -4.14 -1.16 -3.88
CA MET A 21 -4.21 -1.01 -2.43
C MET A 21 -3.64 -2.24 -1.73
N CYS A 22 -2.70 -2.01 -0.82
CA CYS A 22 -2.07 -3.11 -0.07
C CYS A 22 -1.68 -2.66 1.32
N CYS A 23 -1.31 -3.62 2.16
CA CYS A 23 -0.89 -3.31 3.53
C CYS A 23 0.62 -3.38 3.67
N LYS A 24 1.16 -2.54 4.55
CA LYS A 24 2.60 -2.51 4.78
C LYS A 24 3.10 -3.86 5.29
N THR A 25 2.18 -4.68 5.78
CA THR A 25 2.53 -6.00 6.30
C THR A 25 3.85 -5.96 7.06
N ASP A 1 -1.06 9.01 15.15
CA ASP A 1 -1.77 8.99 13.88
C ASP A 1 -0.98 8.23 12.82
N THR A 2 0.34 8.44 12.81
CA THR A 2 1.21 7.77 11.86
C THR A 2 1.68 6.41 12.39
N HIS A 3 0.80 5.42 12.32
CA HIS A 3 1.12 4.08 12.78
C HIS A 3 1.38 3.14 11.61
N PHE A 4 1.73 1.90 11.92
CA PHE A 4 2.01 0.91 10.89
C PHE A 4 2.13 -0.50 11.50
N PRO A 5 1.96 -1.52 10.66
CA PRO A 5 1.68 -1.33 9.23
C PRO A 5 0.28 -0.77 8.98
N ILE A 6 -0.01 -0.46 7.72
CA ILE A 6 -1.31 0.09 7.36
C ILE A 6 -1.67 -0.28 5.92
N CYS A 7 -2.96 -0.31 5.62
CA CYS A 7 -3.44 -0.64 4.28
C CYS A 7 -3.96 0.61 3.57
N ILE A 8 -3.37 0.92 2.42
CA ILE A 8 -3.78 2.08 1.65
C ILE A 8 -3.45 1.89 0.17
N PHE A 9 -3.78 2.90 -0.64
CA PHE A 9 -3.52 2.85 -2.07
C PHE A 9 -2.14 3.42 -2.39
N CYS A 10 -1.57 2.98 -3.51
CA CYS A 10 -0.25 3.45 -3.93
C CYS A 10 0.02 3.05 -5.39
N CYS A 11 0.69 3.94 -6.12
CA CYS A 11 1.02 3.70 -7.51
C CYS A 11 2.42 3.10 -7.65
N GLY A 12 2.51 1.78 -7.54
CA GLY A 12 3.78 1.11 -7.65
C GLY A 12 4.17 0.35 -6.39
N CYS A 13 3.23 -0.43 -5.87
CA CYS A 13 3.46 -1.20 -4.65
C CYS A 13 2.87 -2.60 -4.78
N CYS A 14 3.28 -3.50 -3.88
CA CYS A 14 2.78 -4.87 -3.89
C CYS A 14 2.53 -5.34 -5.32
N HIS A 15 3.49 -5.09 -6.20
CA HIS A 15 3.37 -5.50 -7.60
C HIS A 15 2.17 -4.82 -8.26
N ARG A 16 2.25 -3.50 -8.40
CA ARG A 16 1.18 -2.72 -9.01
C ARG A 16 1.69 -1.40 -9.54
N SER A 17 2.50 -1.46 -10.59
CA SER A 17 3.07 -0.25 -11.20
C SER A 17 1.99 0.79 -11.46
N LYS A 18 0.79 0.32 -11.79
CA LYS A 18 -0.33 1.21 -12.06
C LYS A 18 -0.79 1.91 -10.78
N CYS A 19 -1.56 1.19 -9.97
CA CYS A 19 -2.06 1.75 -8.71
C CYS A 19 -3.00 0.76 -8.02
N GLY A 20 -2.59 0.28 -6.85
CA GLY A 20 -3.40 -0.67 -6.10
C GLY A 20 -3.35 -0.42 -4.61
N MET A 21 -4.19 -1.13 -3.87
CA MET A 21 -4.25 -0.99 -2.42
C MET A 21 -3.67 -2.23 -1.73
N CYS A 22 -2.73 -2.01 -0.83
CA CYS A 22 -2.10 -3.10 -0.09
C CYS A 22 -1.67 -2.65 1.30
N CYS A 23 -1.29 -3.61 2.14
CA CYS A 23 -0.86 -3.31 3.50
C CYS A 23 0.67 -3.37 3.60
N LYS A 24 1.22 -2.53 4.47
CA LYS A 24 2.66 -2.48 4.67
C LYS A 24 3.18 -3.82 5.18
N THR A 25 2.27 -4.65 5.69
CA THR A 25 2.64 -5.96 6.20
C THR A 25 3.97 -5.91 6.95
N ASP A 1 2.73 10.61 12.04
CA ASP A 1 1.36 10.66 12.53
C ASP A 1 0.64 9.33 12.27
N THR A 2 0.89 8.75 11.10
CA THR A 2 0.28 7.48 10.74
C THR A 2 1.17 6.30 11.11
N HIS A 3 0.63 5.39 11.91
CA HIS A 3 1.38 4.21 12.34
C HIS A 3 1.52 3.21 11.20
N PHE A 4 2.35 2.20 11.40
CA PHE A 4 2.57 1.17 10.39
C PHE A 4 2.74 -0.20 11.03
N PRO A 5 2.53 -1.26 10.24
CA PRO A 5 2.15 -1.13 8.82
C PRO A 5 0.73 -0.59 8.66
N ILE A 6 0.36 -0.29 7.41
CA ILE A 6 -0.97 0.24 7.12
C ILE A 6 -1.42 -0.17 5.72
N CYS A 7 -2.74 -0.26 5.53
CA CYS A 7 -3.29 -0.63 4.24
C CYS A 7 -3.92 0.57 3.55
N ILE A 8 -3.43 0.88 2.36
CA ILE A 8 -3.94 2.02 1.60
C ILE A 8 -3.55 1.91 0.13
N PHE A 9 -3.98 2.88 -0.67
CA PHE A 9 -3.68 2.89 -2.09
C PHE A 9 -2.25 3.36 -2.34
N CYS A 10 -1.68 2.94 -3.47
CA CYS A 10 -0.33 3.33 -3.84
C CYS A 10 -0.03 2.97 -5.29
N CYS A 11 0.67 3.87 -5.98
CA CYS A 11 1.01 3.66 -7.38
C CYS A 11 2.40 3.02 -7.50
N GLY A 12 2.45 1.70 -7.40
CA GLY A 12 3.72 1.00 -7.50
C GLY A 12 4.05 0.20 -6.25
N CYS A 13 3.03 -0.45 -5.69
CA CYS A 13 3.22 -1.25 -4.48
C CYS A 13 2.70 -2.67 -4.69
N CYS A 14 3.07 -3.57 -3.79
CA CYS A 14 2.65 -4.96 -3.87
C CYS A 14 2.55 -5.42 -5.33
N HIS A 15 3.57 -5.08 -6.12
CA HIS A 15 3.59 -5.45 -7.53
C HIS A 15 2.41 -4.85 -8.27
N ARG A 16 2.34 -3.52 -8.30
CA ARG A 16 1.25 -2.83 -8.98
C ARG A 16 1.71 -1.44 -9.45
N SER A 17 2.42 -1.41 -10.57
CA SER A 17 2.92 -0.17 -11.13
C SER A 17 1.79 0.85 -11.28
N LYS A 18 0.69 0.41 -11.88
CA LYS A 18 -0.46 1.28 -12.08
C LYS A 18 -0.87 1.97 -10.78
N CYS A 19 -1.67 1.27 -9.97
CA CYS A 19 -2.12 1.82 -8.70
C CYS A 19 -3.10 0.86 -8.02
N GLY A 20 -2.70 0.36 -6.85
CA GLY A 20 -3.54 -0.56 -6.11
C GLY A 20 -3.48 -0.33 -4.61
N MET A 21 -4.34 -1.02 -3.87
CA MET A 21 -4.38 -0.89 -2.42
C MET A 21 -3.79 -2.14 -1.75
N CYS A 22 -2.79 -1.93 -0.89
CA CYS A 22 -2.15 -3.04 -0.19
C CYS A 22 -1.65 -2.58 1.18
N CYS A 23 -1.21 -3.55 1.98
CA CYS A 23 -0.70 -3.26 3.32
C CYS A 23 0.82 -3.27 3.34
N LYS A 24 1.40 -2.39 4.16
CA LYS A 24 2.86 -2.31 4.28
C LYS A 24 3.45 -3.63 4.75
N THR A 25 2.60 -4.49 5.32
CA THR A 25 3.03 -5.79 5.81
C THR A 25 4.41 -5.70 6.47
N ASP A 1 -5.39 5.78 8.34
CA ASP A 1 -4.03 6.31 8.40
C ASP A 1 -3.26 5.71 9.55
N THR A 2 -3.95 5.51 10.68
CA THR A 2 -3.33 4.93 11.87
C THR A 2 -3.74 3.47 12.05
N HIS A 3 -2.90 2.57 11.56
CA HIS A 3 -3.17 1.15 11.67
C HIS A 3 -1.88 0.36 11.87
N PHE A 4 -1.97 -0.96 11.77
CA PHE A 4 -0.81 -1.83 11.95
C PHE A 4 -1.19 -3.30 11.81
N PRO A 5 -0.97 -3.86 10.60
CA PRO A 5 -0.38 -3.10 9.48
C PRO A 5 -1.33 -2.06 8.93
N ILE A 6 -0.83 -1.23 8.02
CA ILE A 6 -1.64 -0.18 7.41
C ILE A 6 -1.85 -0.46 5.92
N CYS A 7 -3.12 -0.49 5.51
CA CYS A 7 -3.46 -0.74 4.12
C CYS A 7 -3.96 0.55 3.44
N ILE A 8 -3.34 0.90 2.33
CA ILE A 8 -3.73 2.09 1.59
C ILE A 8 -3.38 1.97 0.11
N PHE A 9 -3.84 2.92 -0.70
CA PHE A 9 -3.58 2.90 -2.13
C PHE A 9 -2.19 3.46 -2.43
N CYS A 10 -1.61 3.02 -3.55
CA CYS A 10 -0.29 3.47 -3.95
C CYS A 10 0.00 3.07 -5.39
N CYS A 11 0.70 3.94 -6.11
CA CYS A 11 1.04 3.69 -7.50
C CYS A 11 2.44 3.07 -7.62
N GLY A 12 2.50 1.74 -7.53
CA GLY A 12 3.77 1.05 -7.62
C GLY A 12 4.13 0.32 -6.35
N CYS A 13 3.18 -0.45 -5.83
CA CYS A 13 3.39 -1.21 -4.60
C CYS A 13 2.81 -2.62 -4.73
N CYS A 14 3.23 -3.50 -3.84
CA CYS A 14 2.77 -4.89 -3.84
C CYS A 14 2.56 -5.39 -5.27
N HIS A 15 3.50 -5.06 -6.15
CA HIS A 15 3.42 -5.46 -7.54
C HIS A 15 2.22 -4.83 -8.23
N ARG A 16 2.20 -3.51 -8.27
CA ARG A 16 1.10 -2.77 -8.90
C ARG A 16 1.58 -1.45 -9.47
N SER A 17 2.23 -1.50 -10.62
CA SER A 17 2.74 -0.30 -11.27
C SER A 17 1.66 0.76 -11.39
N LYS A 18 0.53 0.38 -11.98
CA LYS A 18 -0.59 1.29 -12.16
C LYS A 18 -0.95 1.99 -10.84
N CYS A 19 -1.73 1.30 -10.02
CA CYS A 19 -2.14 1.84 -8.73
C CYS A 19 -3.08 0.88 -8.02
N GLY A 20 -2.64 0.38 -6.87
CA GLY A 20 -3.45 -0.56 -6.10
C GLY A 20 -3.33 -0.34 -4.60
N MET A 21 -4.12 -1.07 -3.83
CA MET A 21 -4.09 -0.95 -2.38
C MET A 21 -3.35 -2.13 -1.75
N CYS A 22 -2.36 -1.83 -0.92
CA CYS A 22 -1.56 -2.86 -0.26
C CYS A 22 -1.35 -2.52 1.21
N CYS A 23 -1.01 -3.54 2.00
CA CYS A 23 -0.78 -3.35 3.42
C CYS A 23 0.71 -3.39 3.74
N LYS A 24 1.13 -2.62 4.75
CA LYS A 24 2.53 -2.57 5.14
C LYS A 24 3.02 -3.95 5.57
N THR A 25 2.08 -4.84 5.88
CA THR A 25 2.42 -6.20 6.29
C THR A 25 3.64 -6.20 7.20
N ASP A 1 3.88 6.45 9.02
CA ASP A 1 3.95 7.62 9.88
C ASP A 1 3.40 7.30 11.27
N THR A 2 2.30 6.57 11.31
CA THR A 2 1.67 6.20 12.57
C THR A 2 0.66 5.08 12.39
N HIS A 3 0.43 4.31 13.44
CA HIS A 3 -0.52 3.21 13.39
C HIS A 3 -0.20 2.28 12.22
N PHE A 4 0.65 1.29 12.47
CA PHE A 4 1.03 0.33 11.44
C PHE A 4 1.04 -1.10 11.99
N PRO A 5 0.95 -2.07 11.09
CA PRO A 5 0.85 -1.82 9.64
C PRO A 5 -0.49 -1.21 9.25
N ILE A 6 -0.61 -0.81 7.99
CA ILE A 6 -1.82 -0.21 7.48
C ILE A 6 -2.01 -0.49 5.99
N CYS A 7 -3.25 -0.48 5.55
CA CYS A 7 -3.56 -0.73 4.14
C CYS A 7 -4.05 0.55 3.46
N ILE A 8 -3.41 0.89 2.34
CA ILE A 8 -3.79 2.10 1.60
C ILE A 8 -3.42 1.95 0.12
N PHE A 9 -3.85 2.93 -0.68
CA PHE A 9 -3.57 2.91 -2.11
C PHE A 9 -2.15 3.40 -2.39
N CYS A 10 -1.58 2.94 -3.50
CA CYS A 10 -0.23 3.32 -3.88
C CYS A 10 0.04 2.99 -5.34
N CYS A 11 0.72 3.89 -6.04
CA CYS A 11 1.04 3.70 -7.45
C CYS A 11 2.43 3.08 -7.60
N GLY A 12 2.50 1.75 -7.53
CA GLY A 12 3.77 1.07 -7.66
C GLY A 12 4.16 0.31 -6.42
N CYS A 13 3.20 -0.42 -5.85
CA CYS A 13 3.45 -1.20 -4.64
C CYS A 13 2.85 -2.60 -4.77
N CYS A 14 3.23 -3.48 -3.85
CA CYS A 14 2.74 -4.85 -3.85
C CYS A 14 2.55 -5.36 -5.27
N HIS A 15 3.53 -5.09 -6.12
CA HIS A 15 3.47 -5.52 -7.52
C HIS A 15 2.28 -4.90 -8.23
N ARG A 16 2.27 -3.57 -8.30
CA ARG A 16 1.18 -2.85 -8.97
C ARG A 16 1.66 -1.50 -9.48
N SER A 17 2.20 -1.49 -10.70
CA SER A 17 2.69 -0.26 -11.30
C SER A 17 1.59 0.80 -11.37
N LYS A 18 0.49 0.45 -12.02
CA LYS A 18 -0.64 1.37 -12.16
C LYS A 18 -0.97 2.03 -10.83
N CYS A 19 -1.75 1.34 -10.00
CA CYS A 19 -2.15 1.86 -8.71
C CYS A 19 -3.09 0.91 -7.99
N GLY A 20 -2.64 0.37 -6.86
CA GLY A 20 -3.45 -0.56 -6.10
C GLY A 20 -3.34 -0.36 -4.60
N MET A 21 -4.15 -1.07 -3.84
CA MET A 21 -4.13 -0.96 -2.38
C MET A 21 -3.39 -2.13 -1.76
N CYS A 22 -2.40 -1.82 -0.92
CA CYS A 22 -1.61 -2.85 -0.26
C CYS A 22 -1.40 -2.51 1.22
N CYS A 23 -1.08 -3.53 2.01
CA CYS A 23 -0.85 -3.33 3.44
C CYS A 23 0.64 -3.37 3.76
N LYS A 24 1.05 -2.62 4.77
CA LYS A 24 2.44 -2.57 5.20
C LYS A 24 2.94 -3.95 5.62
N THR A 25 1.99 -4.85 5.90
CA THR A 25 2.33 -6.20 6.32
C THR A 25 3.53 -6.20 7.25
N ASP A 1 1.16 8.89 15.74
CA ASP A 1 2.01 9.25 14.61
C ASP A 1 1.91 8.23 13.50
N THR A 2 0.68 7.97 13.04
CA THR A 2 0.44 6.99 11.98
C THR A 2 0.86 5.60 12.41
N HIS A 3 -0.10 4.83 12.92
CA HIS A 3 0.17 3.47 13.38
C HIS A 3 0.57 2.58 12.21
N PHE A 4 0.67 1.28 12.47
CA PHE A 4 1.05 0.32 11.44
C PHE A 4 1.06 -1.10 11.98
N PRO A 5 0.97 -2.08 11.08
CA PRO A 5 0.86 -1.83 9.64
C PRO A 5 -0.47 -1.21 9.25
N ILE A 6 -0.58 -0.82 7.98
CA ILE A 6 -1.82 -0.22 7.48
C ILE A 6 -2.00 -0.49 5.99
N CYS A 7 -3.25 -0.49 5.54
CA CYS A 7 -3.56 -0.73 4.14
C CYS A 7 -4.04 0.55 3.46
N ILE A 8 -3.41 0.89 2.34
CA ILE A 8 -3.79 2.10 1.60
C ILE A 8 -3.42 1.95 0.12
N PHE A 9 -3.85 2.93 -0.68
CA PHE A 9 -3.57 2.91 -2.11
C PHE A 9 -2.15 3.40 -2.39
N CYS A 10 -1.58 2.94 -3.50
CA CYS A 10 -0.23 3.33 -3.89
C CYS A 10 0.04 2.99 -5.34
N CYS A 11 0.72 3.90 -6.04
CA CYS A 11 1.04 3.70 -7.45
C CYS A 11 2.43 3.08 -7.60
N GLY A 12 2.49 1.76 -7.53
CA GLY A 12 3.77 1.06 -7.67
C GLY A 12 4.15 0.31 -6.42
N CYS A 13 3.20 -0.43 -5.85
CA CYS A 13 3.44 -1.21 -4.64
C CYS A 13 2.85 -2.60 -4.77
N CYS A 14 3.23 -3.48 -3.85
CA CYS A 14 2.74 -4.85 -3.85
C CYS A 14 2.55 -5.36 -5.27
N HIS A 15 3.53 -5.09 -6.12
CA HIS A 15 3.47 -5.52 -7.52
C HIS A 15 2.28 -4.90 -8.23
N ARG A 16 2.27 -3.57 -8.30
CA ARG A 16 1.18 -2.85 -8.97
C ARG A 16 1.66 -1.50 -9.47
N SER A 17 2.20 -1.49 -10.68
CA SER A 17 2.70 -0.26 -11.29
C SER A 17 1.60 0.80 -11.36
N LYS A 18 0.50 0.45 -12.01
CA LYS A 18 -0.63 1.36 -12.16
C LYS A 18 -0.97 2.03 -10.83
N CYS A 19 -1.75 1.34 -10.00
CA CYS A 19 -2.15 1.86 -8.71
C CYS A 19 -3.09 0.91 -7.99
N GLY A 20 -2.64 0.37 -6.86
CA GLY A 20 -3.46 -0.55 -6.10
C GLY A 20 -3.34 -0.36 -4.60
N MET A 21 -4.15 -1.07 -3.84
CA MET A 21 -4.13 -0.96 -2.38
C MET A 21 -3.39 -2.13 -1.76
N CYS A 22 -2.40 -1.82 -0.92
CA CYS A 22 -1.61 -2.85 -0.26
C CYS A 22 -1.40 -2.52 1.21
N CYS A 23 -1.08 -3.53 2.01
CA CYS A 23 -0.84 -3.34 3.43
C CYS A 23 0.65 -3.38 3.76
N LYS A 24 1.05 -2.63 4.78
CA LYS A 24 2.44 -2.58 5.19
C LYS A 24 2.93 -3.96 5.62
N THR A 25 1.98 -4.85 5.90
CA THR A 25 2.32 -6.21 6.33
C THR A 25 3.53 -6.21 7.25
#